data_7B9Y
#
_entry.id   7B9Y
#
_cell.length_a   48.510
_cell.length_b   48.510
_cell.length_c   105.935
_cell.angle_alpha   90.000
_cell.angle_beta   90.000
_cell.angle_gamma   120.000
#
_symmetry.space_group_name_H-M   'P 31 2 1'
#
loop_
_entity.id
_entity.type
_entity.pdbx_description
1 polymer 'Peptidyl-prolyl cis-trans isomerase FKBP5'
2 non-polymer 2-cyclohexyl-12-[2-(3,4-dimethoxyphenyl)ethyl]-20,21-dihydroxy-25,26-dimethoxy-11,18,23-trioxa-4-azatetracyclo[22.3.1.113,17.04,9]nonacosa-1(27),13(29),14,16,24(28),25-hexaene-3,10-dione
3 water water
#
_entity_poly.entity_id   1
_entity_poly.type   'polypeptide(L)'
_entity_poly.pdbx_seq_one_letter_code
;HMGAPATVTEQGEDITSKKDRGVLKIVKRVGNGEETPMIGDKVYVHYKGKLSNGKKFDSSHDRNEPFVFSLGKGQVIKAW
DIGVATMKKGEIAHLLIKPEYAYGSAGSLPKIPSNATLFFEIELLDFKGE
;
_entity_poly.pdbx_strand_id   A
#
loop_
_chem_comp.id
_chem_comp.type
_chem_comp.name
_chem_comp.formula
T5B non-polymer 2-cyclohexyl-12-[2-(3,4-dimethoxyphenyl)ethyl]-20,21-dihydroxy-25,26-dimethoxy-11,18,23-trioxa-4-azatetracyclo[22.3.1.113,17.04,9]nonacosa-1(27),13(29),14,16,24(28),25-hexaene-3,10-dione 'C43 H55 N O11'
#
# COMPACT_ATOMS: atom_id res chain seq x y z
N GLY A 3 4.24 -17.56 -3.37
CA GLY A 3 5.05 -16.35 -3.39
C GLY A 3 4.48 -15.27 -2.48
N ALA A 4 4.98 -14.06 -2.66
CA ALA A 4 4.76 -12.97 -1.70
C ALA A 4 3.23 -12.81 -1.46
N PRO A 5 2.36 -12.78 -2.50
CA PRO A 5 0.91 -12.63 -2.29
C PRO A 5 0.31 -13.74 -1.44
N ALA A 6 0.61 -14.99 -1.72
CA ALA A 6 0.10 -16.13 -0.91
C ALA A 6 0.60 -16.03 0.56
N THR A 7 1.84 -15.58 0.73
CA THR A 7 2.36 -15.43 2.13
C THR A 7 1.52 -14.40 2.90
N VAL A 8 1.12 -13.30 2.26
CA VAL A 8 0.28 -12.27 2.93
C VAL A 8 -1.08 -12.87 3.28
N THR A 9 -1.66 -13.63 2.35
CA THR A 9 -3.00 -14.27 2.62
C THR A 9 -2.88 -15.13 3.85
N GLU A 10 -1.77 -15.92 3.98
CA GLU A 10 -1.62 -16.90 5.07
C GLU A 10 -1.18 -16.20 6.35
N GLN A 11 -0.33 -15.17 6.26
CA GLN A 11 0.37 -14.64 7.46
C GLN A 11 0.02 -13.17 7.80
N GLY A 12 -0.61 -12.49 6.88
CA GLY A 12 -0.81 -11.03 7.01
C GLY A 12 -1.75 -10.67 8.11
N GLU A 13 -1.49 -9.55 8.71
CA GLU A 13 -2.34 -8.90 9.69
C GLU A 13 -3.46 -8.14 9.02
N ASP A 14 -4.66 -8.22 9.53
CA ASP A 14 -5.79 -7.46 9.01
C ASP A 14 -5.82 -6.08 9.60
N ILE A 15 -5.40 -5.07 8.83
CA ILE A 15 -5.26 -3.70 9.34
C ILE A 15 -6.48 -2.86 9.05
N THR A 16 -7.55 -3.49 8.59
CA THR A 16 -8.79 -2.75 8.41
C THR A 16 -9.50 -2.55 9.76
N SER A 17 -10.25 -1.51 9.88
N SER A 17 -10.30 -1.53 9.89
CA SER A 17 -11.12 -1.27 11.06
CA SER A 17 -11.09 -1.29 11.13
C SER A 17 -12.21 -2.34 11.14
C SER A 17 -12.37 -2.14 11.16
N LYS A 18 -12.82 -2.59 9.99
CA LYS A 18 -13.98 -3.48 9.91
C LYS A 18 -13.60 -4.95 10.09
N LYS A 19 -12.31 -5.27 10.07
CA LYS A 19 -11.79 -6.66 10.18
C LYS A 19 -12.51 -7.49 9.18
N ASP A 20 -12.41 -7.04 7.93
CA ASP A 20 -12.96 -7.75 6.77
C ASP A 20 -11.86 -8.31 5.85
N ARG A 21 -10.62 -8.31 6.30
CA ARG A 21 -9.48 -8.83 5.56
C ARG A 21 -9.30 -8.05 4.25
N GLY A 22 -9.79 -6.80 4.21
CA GLY A 22 -9.66 -6.05 2.94
C GLY A 22 -8.27 -5.53 2.65
N VAL A 23 -7.48 -5.36 3.69
CA VAL A 23 -6.08 -4.91 3.62
C VAL A 23 -5.32 -5.76 4.60
N LEU A 24 -4.47 -6.61 4.08
CA LEU A 24 -3.60 -7.52 4.85
C LEU A 24 -2.15 -7.07 4.70
N LYS A 25 -1.40 -7.04 5.82
CA LYS A 25 -0.06 -6.52 5.85
C LYS A 25 0.93 -7.50 6.47
N ILE A 26 2.08 -7.61 5.88
N ILE A 26 2.09 -7.61 5.84
CA ILE A 26 3.22 -8.13 6.64
CA ILE A 26 3.34 -8.28 6.35
C ILE A 26 4.36 -7.10 6.51
C ILE A 26 4.48 -7.23 6.40
N VAL A 27 5.20 -7.09 7.51
CA VAL A 27 6.43 -6.28 7.55
C VAL A 27 7.57 -7.15 7.06
N LYS A 28 8.27 -6.66 6.06
CA LYS A 28 9.48 -7.32 5.54
C LYS A 28 10.77 -6.75 6.11
N ARG A 29 10.72 -5.51 6.57
N ARG A 29 10.85 -5.43 6.29
CA ARG A 29 11.84 -4.80 7.18
CA ARG A 29 12.01 -4.78 6.93
C ARG A 29 11.24 -3.83 8.19
C ARG A 29 11.52 -3.74 7.93
N VAL A 30 11.60 -3.96 9.46
N VAL A 30 11.95 -3.83 9.18
CA VAL A 30 11.24 -2.96 10.49
CA VAL A 30 11.44 -2.90 10.22
C VAL A 30 11.95 -1.63 10.20
C VAL A 30 11.99 -1.50 9.94
N GLY A 31 11.19 -0.52 10.33
CA GLY A 31 11.66 0.84 10.19
C GLY A 31 12.34 1.34 11.46
N ASN A 32 12.51 2.63 11.49
CA ASN A 32 13.21 3.36 12.54
C ASN A 32 12.23 4.06 13.48
N GLY A 33 12.55 3.99 14.73
CA GLY A 33 11.85 4.82 15.68
C GLY A 33 10.44 4.32 15.84
N GLU A 34 9.55 5.24 16.16
CA GLU A 34 8.16 4.89 16.44
C GLU A 34 7.19 5.65 15.53
N GLU A 35 7.54 6.84 15.05
N GLU A 35 7.56 6.83 15.05
CA GLU A 35 6.55 7.72 14.42
CA GLU A 35 6.58 7.70 14.40
C GLU A 35 6.04 7.11 13.11
C GLU A 35 6.04 7.08 13.11
N THR A 36 4.76 7.31 12.87
CA THR A 36 4.08 6.92 11.61
C THR A 36 3.36 8.15 11.10
N PRO A 37 3.05 8.24 9.80
CA PRO A 37 2.61 9.55 9.30
C PRO A 37 1.15 9.88 9.64
N MET A 38 0.90 11.18 9.78
CA MET A 38 -0.43 11.75 10.08
C MET A 38 -1.17 12.01 8.77
N ILE A 39 -2.48 12.02 8.83
CA ILE A 39 -3.29 12.58 7.71
C ILE A 39 -2.83 13.98 7.39
N GLY A 40 -2.64 14.20 6.09
CA GLY A 40 -2.13 15.47 5.58
C GLY A 40 -0.63 15.47 5.37
N ASP A 41 0.08 14.49 5.94
CA ASP A 41 1.54 14.45 5.73
C ASP A 41 1.85 14.07 4.27
N LYS A 42 2.95 14.67 3.80
CA LYS A 42 3.57 14.30 2.52
C LYS A 42 4.46 13.12 2.74
N VAL A 43 4.21 11.99 2.08
N VAL A 43 4.32 12.13 1.89
CA VAL A 43 5.06 10.79 2.22
CA VAL A 43 4.94 10.81 2.05
C VAL A 43 5.78 10.53 0.91
C VAL A 43 5.75 10.46 0.81
N TYR A 44 6.95 9.89 1.04
CA TYR A 44 7.87 9.56 -0.05
C TYR A 44 8.07 8.06 0.02
N VAL A 45 7.77 7.33 -1.05
CA VAL A 45 7.89 5.87 -1.02
C VAL A 45 8.60 5.41 -2.27
N HIS A 46 9.11 4.19 -2.18
CA HIS A 46 9.27 3.35 -3.37
C HIS A 46 8.23 2.26 -3.31
N TYR A 47 7.82 1.75 -4.44
CA TYR A 47 6.84 0.68 -4.47
C TYR A 47 6.95 -0.19 -5.71
N LYS A 48 6.39 -1.37 -5.58
CA LYS A 48 6.06 -2.22 -6.70
C LYS A 48 4.68 -2.75 -6.49
N GLY A 49 3.88 -2.79 -7.56
CA GLY A 49 2.50 -3.26 -7.48
C GLY A 49 2.19 -4.23 -8.60
N LYS A 50 1.24 -5.10 -8.35
CA LYS A 50 0.79 -5.99 -9.39
C LYS A 50 -0.64 -6.44 -9.13
N LEU A 51 -1.30 -6.84 -10.19
CA LEU A 51 -2.56 -7.58 -10.03
C LEU A 51 -2.17 -8.92 -9.43
N SER A 52 -2.93 -9.41 -8.45
CA SER A 52 -2.57 -10.61 -7.68
C SER A 52 -2.36 -11.84 -8.60
N ASN A 53 -2.95 -11.83 -9.78
CA ASN A 53 -2.63 -12.88 -10.79
C ASN A 53 -1.39 -12.58 -11.66
N GLY A 54 -0.69 -11.47 -11.46
CA GLY A 54 0.53 -11.03 -12.16
C GLY A 54 0.36 -10.67 -13.63
N LYS A 55 -0.83 -10.26 -14.10
CA LYS A 55 -0.98 -9.86 -15.53
C LYS A 55 -0.41 -8.45 -15.85
N LYS A 56 -0.27 -7.60 -14.84
CA LYS A 56 0.18 -6.19 -14.98
C LYS A 56 1.07 -5.90 -13.76
N PHE A 57 2.08 -5.10 -13.95
CA PHE A 57 3.08 -4.74 -12.93
C PHE A 57 3.43 -3.25 -13.09
N ASP A 58 3.75 -2.59 -11.99
CA ASP A 58 4.09 -1.18 -11.96
C ASP A 58 5.08 -0.95 -10.82
N SER A 59 6.11 -0.14 -11.05
N SER A 59 5.97 0.00 -10.95
CA SER A 59 7.13 0.23 -10.03
CA SER A 59 6.89 0.31 -9.84
C SER A 59 7.40 1.73 -10.05
C SER A 59 7.56 1.66 -10.04
N SER A 60 7.85 2.24 -8.92
CA SER A 60 8.46 3.56 -8.85
C SER A 60 9.88 3.45 -9.45
N HIS A 61 10.48 2.31 -9.44
CA HIS A 61 11.90 2.22 -9.82
C HIS A 61 12.02 2.51 -11.33
N ASP A 62 10.89 2.53 -12.09
CA ASP A 62 10.83 3.01 -13.50
C ASP A 62 11.37 4.43 -13.65
N ARG A 63 10.86 5.36 -12.85
CA ARG A 63 11.24 6.79 -12.79
C ARG A 63 12.57 6.90 -12.06
N ASN A 64 12.98 5.85 -11.30
CA ASN A 64 14.12 5.95 -10.35
C ASN A 64 13.96 7.21 -9.48
N GLU A 65 12.78 7.48 -8.98
CA GLU A 65 12.53 8.65 -8.08
C GLU A 65 11.41 8.24 -7.15
N PRO A 66 11.34 8.81 -5.92
CA PRO A 66 10.27 8.42 -5.04
C PRO A 66 8.89 8.78 -5.64
N PHE A 67 7.90 7.98 -5.28
CA PHE A 67 6.47 8.27 -5.48
C PHE A 67 6.04 9.10 -4.27
N VAL A 68 5.51 10.29 -4.52
CA VAL A 68 5.14 11.23 -3.45
C VAL A 68 3.65 11.45 -3.45
N PHE A 69 3.04 11.34 -2.29
CA PHE A 69 1.60 11.58 -2.19
C PHE A 69 1.33 11.99 -0.75
N SER A 70 0.18 12.58 -0.55
CA SER A 70 -0.23 13.02 0.78
C SER A 70 -1.34 12.16 1.32
N LEU A 71 -1.15 11.77 2.59
N LEU A 71 -1.16 11.61 2.55
CA LEU A 71 -2.03 10.82 3.26
CA LEU A 71 -2.18 10.73 3.16
C LEU A 71 -3.43 11.43 3.46
C LEU A 71 -3.47 11.47 3.33
N GLY A 72 -4.54 10.74 3.08
CA GLY A 72 -5.87 11.26 3.35
C GLY A 72 -6.38 12.35 2.46
N LYS A 73 -5.67 12.61 1.40
CA LYS A 73 -6.08 13.65 0.43
C LYS A 73 -6.74 13.12 -0.86
N GLY A 74 -7.04 11.84 -0.84
CA GLY A 74 -7.66 11.27 -2.03
C GLY A 74 -6.77 11.16 -3.21
N GLN A 75 -5.48 10.99 -2.95
N GLN A 75 -5.48 10.99 -2.97
CA GLN A 75 -4.51 10.89 -4.06
CA GLN A 75 -4.52 10.88 -4.10
C GLN A 75 -4.34 9.46 -4.59
C GLN A 75 -4.21 9.45 -4.53
N VAL A 76 -4.64 8.48 -3.74
CA VAL A 76 -4.35 7.05 -3.98
C VAL A 76 -5.52 6.23 -3.52
N ILE A 77 -5.58 4.97 -3.87
CA ILE A 77 -6.59 4.04 -3.41
C ILE A 77 -6.65 4.02 -1.88
N LYS A 78 -7.82 3.71 -1.36
N LYS A 78 -7.82 3.72 -1.37
CA LYS A 78 -8.05 3.72 0.11
CA LYS A 78 -8.05 3.70 0.09
C LYS A 78 -7.05 2.81 0.84
C LYS A 78 -7.05 2.80 0.83
N ALA A 79 -6.73 1.66 0.27
CA ALA A 79 -5.80 0.75 0.92
C ALA A 79 -4.45 1.39 1.17
N TRP A 80 -3.97 2.27 0.30
CA TRP A 80 -2.71 2.95 0.54
C TRP A 80 -2.80 3.93 1.65
N ASP A 81 -3.89 4.70 1.76
CA ASP A 81 -4.04 5.58 2.94
C ASP A 81 -4.02 4.70 4.21
N ILE A 82 -4.69 3.59 4.25
CA ILE A 82 -4.73 2.73 5.43
C ILE A 82 -3.36 2.16 5.67
N GLY A 83 -2.78 1.54 4.65
CA GLY A 83 -1.50 0.82 4.84
C GLY A 83 -0.33 1.74 5.16
N VAL A 84 -0.15 2.81 4.40
CA VAL A 84 1.04 3.67 4.62
C VAL A 84 0.95 4.34 5.95
N ALA A 85 -0.24 4.64 6.42
CA ALA A 85 -0.42 5.27 7.74
C ALA A 85 0.17 4.39 8.83
N THR A 86 0.29 3.09 8.62
CA THR A 86 0.78 2.16 9.67
C THR A 86 2.30 2.01 9.62
N MET A 87 2.98 2.63 8.70
CA MET A 87 4.41 2.36 8.44
C MET A 87 5.34 3.41 9.08
N LYS A 88 6.48 2.90 9.54
N LYS A 88 6.50 2.89 9.47
CA LYS A 88 7.57 3.72 10.11
CA LYS A 88 7.62 3.70 9.98
C LYS A 88 8.58 4.05 8.99
C LYS A 88 8.56 4.10 8.86
N LYS A 89 9.36 5.13 9.16
CA LYS A 89 10.40 5.50 8.18
C LYS A 89 11.39 4.32 8.06
N GLY A 90 11.72 3.92 6.86
CA GLY A 90 12.58 2.79 6.60
C GLY A 90 11.90 1.45 6.47
N GLU A 91 10.62 1.37 6.84
CA GLU A 91 9.91 0.10 6.80
C GLU A 91 9.67 -0.33 5.35
N ILE A 92 9.73 -1.63 5.12
CA ILE A 92 9.23 -2.26 3.90
C ILE A 92 8.12 -3.20 4.29
N ALA A 93 6.97 -3.03 3.65
CA ALA A 93 5.80 -3.86 3.91
C ALA A 93 5.24 -4.46 2.64
N HIS A 94 4.56 -5.58 2.77
CA HIS A 94 3.75 -6.17 1.69
C HIS A 94 2.29 -6.00 2.08
N LEU A 95 1.48 -5.57 1.14
CA LEU A 95 0.04 -5.40 1.31
C LEU A 95 -0.69 -6.24 0.24
N LEU A 96 -1.73 -6.94 0.69
CA LEU A 96 -2.65 -7.64 -0.23
C LEU A 96 -3.98 -6.98 -0.03
N ILE A 97 -4.63 -6.55 -1.09
CA ILE A 97 -5.74 -5.61 -1.07
C ILE A 97 -6.92 -6.20 -1.85
N LYS A 98 -8.05 -6.29 -1.18
CA LYS A 98 -9.27 -6.69 -1.85
C LYS A 98 -9.84 -5.52 -2.64
N PRO A 99 -10.72 -5.79 -3.66
CA PRO A 99 -11.20 -4.73 -4.53
C PRO A 99 -11.92 -3.61 -3.83
N GLU A 100 -12.62 -3.93 -2.73
CA GLU A 100 -13.38 -2.90 -2.00
C GLU A 100 -12.49 -1.76 -1.52
N TYR A 101 -11.19 -2.03 -1.33
CA TYR A 101 -10.22 -1.00 -0.87
C TYR A 101 -9.33 -0.51 -2.00
N ALA A 102 -9.71 -0.84 -3.22
CA ALA A 102 -8.91 -0.46 -4.42
C ALA A 102 -9.87 0.05 -5.48
N TYR A 103 -10.13 -0.73 -6.54
CA TYR A 103 -10.92 -0.15 -7.69
C TYR A 103 -12.31 -0.78 -7.76
N GLY A 104 -12.65 -1.70 -6.87
CA GLY A 104 -14.01 -2.17 -6.71
C GLY A 104 -14.54 -2.88 -7.93
N SER A 105 -15.88 -2.92 -8.01
CA SER A 105 -16.55 -3.58 -9.15
C SER A 105 -16.32 -2.75 -10.43
N ALA A 106 -16.15 -1.44 -10.34
CA ALA A 106 -15.98 -0.55 -11.54
C ALA A 106 -14.66 -0.92 -12.23
N GLY A 107 -13.61 -1.34 -11.46
CA GLY A 107 -12.29 -1.45 -12.07
C GLY A 107 -11.81 -0.09 -12.58
N SER A 108 -10.79 -0.09 -13.42
CA SER A 108 -10.25 1.10 -14.04
C SER A 108 -9.50 0.68 -15.30
N LEU A 109 -10.23 0.64 -16.40
CA LEU A 109 -9.60 0.26 -17.66
C LEU A 109 -8.62 1.33 -18.08
N PRO A 110 -7.54 0.97 -18.78
CA PRO A 110 -7.27 -0.38 -19.23
C PRO A 110 -6.48 -1.27 -18.27
N LYS A 111 -5.91 -0.71 -17.18
CA LYS A 111 -5.04 -1.50 -16.32
C LYS A 111 -5.77 -2.46 -15.38
N ILE A 112 -6.88 -2.08 -14.79
CA ILE A 112 -7.44 -2.76 -13.62
C ILE A 112 -8.80 -3.37 -14.00
N PRO A 113 -8.91 -4.69 -14.01
CA PRO A 113 -10.23 -5.31 -14.21
C PRO A 113 -11.15 -5.06 -13.03
N SER A 114 -12.46 -5.30 -13.19
N SER A 114 -12.40 -5.45 -13.25
CA SER A 114 -13.40 -5.25 -12.05
CA SER A 114 -13.39 -5.70 -12.20
C SER A 114 -12.94 -6.22 -10.95
C SER A 114 -12.83 -6.70 -11.16
N ASN A 115 -13.23 -5.89 -9.72
N ASN A 115 -13.13 -6.44 -9.90
CA ASN A 115 -13.13 -6.88 -8.62
CA ASN A 115 -12.97 -7.43 -8.80
C ASN A 115 -11.71 -7.47 -8.48
C ASN A 115 -11.49 -7.74 -8.66
N ALA A 116 -10.65 -6.72 -8.83
CA ALA A 116 -9.21 -7.09 -8.77
C ALA A 116 -8.60 -6.97 -7.35
N THR A 117 -7.97 -8.04 -6.93
CA THR A 117 -7.08 -8.05 -5.76
C THR A 117 -5.72 -7.55 -6.22
N LEU A 118 -5.14 -6.66 -5.44
CA LEU A 118 -3.83 -6.07 -5.73
C LEU A 118 -2.82 -6.48 -4.69
N PHE A 119 -1.57 -6.52 -5.10
CA PHE A 119 -0.43 -6.75 -4.20
C PHE A 119 0.53 -5.59 -4.37
N PHE A 120 1.04 -5.06 -3.25
CA PHE A 120 2.08 -4.06 -3.30
C PHE A 120 3.21 -4.38 -2.31
N GLU A 121 4.41 -4.07 -2.71
CA GLU A 121 5.57 -3.86 -1.80
C GLU A 121 5.77 -2.35 -1.69
N ILE A 122 5.82 -1.82 -0.49
CA ILE A 122 6.02 -0.38 -0.27
C ILE A 122 7.18 -0.23 0.67
N GLU A 123 8.10 0.67 0.32
CA GLU A 123 9.17 1.12 1.20
C GLU A 123 8.88 2.56 1.58
N LEU A 124 8.68 2.83 2.86
CA LEU A 124 8.44 4.22 3.30
C LEU A 124 9.81 4.89 3.50
N LEU A 125 10.15 5.85 2.65
CA LEU A 125 11.47 6.48 2.72
C LEU A 125 11.45 7.61 3.73
N ASP A 126 10.45 8.44 3.74
CA ASP A 126 10.41 9.63 4.61
C ASP A 126 8.98 10.14 4.59
N PHE A 127 8.71 11.09 5.49
CA PHE A 127 7.46 11.84 5.47
C PHE A 127 7.66 13.12 6.21
N LYS A 128 6.89 14.13 5.84
CA LYS A 128 7.05 15.50 6.37
C LYS A 128 5.67 16.08 6.53
N GLY A 129 5.59 17.00 7.48
CA GLY A 129 4.39 17.81 7.74
C GLY A 129 4.12 18.75 6.58
N GLU A 130 2.83 19.01 6.35
CA GLU A 130 2.26 20.04 5.43
C GLU A 130 2.82 21.41 5.84
CCC T5B B . -9.79 4.24 -7.40
OCB T5B B . -9.42 5.29 -6.49
CBL T5B B . -8.42 6.15 -6.85
CBM T5B B . -7.63 6.02 -8.01
CBK T5B B . -8.19 7.23 -5.98
OBZ T5B B . -9.06 7.28 -4.93
CCA T5B B . -8.99 8.43 -4.05
CBJ T5B B . -7.19 8.13 -6.21
CBI T5B B . -6.38 8.00 -7.36
CBC T5B B . -6.57 6.95 -8.23
CBB T5B B . -5.64 6.81 -9.50
CAZ T5B B . -4.69 5.61 -9.47
CAY T5B B . -3.56 5.90 -8.49
OAW T5B B . -2.90 4.56 -8.20
C T5B B . -3.00 4.00 -6.98
O T5B B . -3.71 4.55 -6.12
CA T5B B . -2.20 2.83 -6.72
CB T5B B . -1.33 3.13 -5.51
CAS T5B B . -0.21 4.14 -5.82
CAT T5B B . 0.61 3.58 -6.91
CAU T5B B . -0.16 3.32 -8.20
N T5B B . -1.35 2.43 -7.87
CAI T5B B . -1.86 1.51 -8.73
OAJ T5B B . -2.95 0.96 -8.47
CAG T5B B . -1.15 1.22 -10.00
CAH T5B B . -1.47 -0.24 -10.52
CAL T5B B . -0.96 -1.28 -9.49
CAM T5B B . -1.24 -2.72 -9.97
CAN T5B B . -0.65 -3.00 -11.35
CAO T5B B . -1.19 -1.95 -12.37
CAP T5B B . -0.95 -0.53 -11.91
CAF T5B B . -1.48 2.24 -11.05
CAA T5B B . -0.43 2.86 -11.70
CAE T5B B . -2.78 2.36 -11.47
CAD T5B B . -3.04 3.27 -12.51
OBX T5B B . -4.33 3.51 -12.99
CBY T5B B . -5.44 2.78 -12.47
CAC T5B B . -2.04 3.95 -13.12
OBV T5B B . -2.35 4.80 -14.23
CBW T5B B . -2.70 6.11 -13.81
CAB T5B B . -0.78 3.80 -12.72
OBO T5B B . 0.13 4.49 -13.41
CBP T5B B . 1.44 4.64 -12.86
CBQ T5B B . 2.23 5.72 -13.55
OBT T5B B . 2.41 5.37 -14.92
CBR T5B B . 1.43 7.08 -13.54
OBU T5B B . 2.31 8.07 -14.17
CBS T5B B . 1.12 7.67 -12.16
OBN T5B B . -0.06 6.83 -11.67
CBE T5B B . -0.65 7.30 -10.51
CBD T5B B . -1.70 6.44 -10.12
CBA T5B B . -2.44 6.77 -8.97
CBH T5B B . -2.10 7.89 -8.26
CBG T5B B . -1.06 8.74 -8.67
CBF T5B B . -0.31 8.37 -9.82
HCL T5B B . -10.66 3.73 -7.01
HCM T5B B . -8.96 3.55 -7.48
HCK T5B B . -10.01 4.66 -8.38
HBM T5B B . -7.75 5.18 -8.69
HCH T5B B . -9.93 8.50 -3.49
HCI T5B B . -8.86 9.35 -4.64
HCJ T5B B . -8.15 8.31 -3.34
HBJ T5B B . -7.03 8.98 -5.55
HBI T5B B . -5.59 8.73 -7.56
HBB T5B B . -4.96 7.59 -9.61
HCA T5B B . -6.17 6.60 -10.37
HAZ T5B B . -4.17 5.34 -10.36
HB9 T5B B . -5.13 4.80 -8.99
HAY T5B B . -3.98 6.33 -7.57
HA T5B B . -2.87 2.02 -6.44
HB2 T5B B . -0.74 2.20 -5.42
HB1 T5B B . -1.77 3.51 -4.66
HB4 T5B B . -0.63 5.09 -6.11
HB3 T5B B . 0.40 4.28 -4.93
HB6 T5B B . 1.41 4.29 -7.14
HB5 T5B B . 1.08 2.65 -6.59
HB8 T5B B . -0.61 4.17 -8.59
HB7 T5B B . 0.38 2.82 -8.88
HAG T5B B . -0.08 1.23 -9.81
HAH T5B B . -2.54 -0.36 -10.57
HAM T5B B . -1.49 -1.11 -8.56
HAL T5B B . 0.06 -1.31 -9.38
HAO T5B B . -0.81 -3.42 -9.24
HAN T5B B . -2.32 -2.88 -10.01
HAQ T5B B . 0.44 -2.94 -11.30
HAP T5B B . -0.94 -4.00 -11.68
HAS T5B B . -0.69 -2.10 -13.32
HAR T5B B . -2.25 -2.10 -12.49
HAT T5B B . -0.65 0.23 -12.59
HAU T5B B . 0.08 -0.70 -11.59
HAA T5B B . 0.58 2.73 -11.38
HAE T5B B . -3.56 1.82 -10.97
HCG T5B B . -6.26 2.80 -13.22
HBY T5B B . -5.77 3.27 -11.52
HCF T5B B . -5.15 1.72 -12.27
HCE T5B B . -3.64 6.39 -14.28
HBW T5B B . -1.91 6.80 -14.11
HCD T5B B . -2.82 6.15 -12.73
HBP T5B B . 1.97 3.70 -13.01
HCB T5B B . 1.40 4.86 -11.80
HBQ T5B B . 3.19 5.85 -13.06
HBT T5B B . 1.52 5.27 -15.35
HBR T5B B . 0.51 6.97 -14.12
HBU T5B B . 2.50 7.78 -15.09
HBS T5B B . 0.66 8.62 -12.17
HCC T5B B . 1.78 7.45 -11.37
HBD T5B B . -1.94 5.56 -10.70
HBH T5B B . -2.65 8.14 -7.38
HBG T5B B . -0.80 9.62 -8.07
HBF T5B B . 0.49 9.03 -10.14
#